data_4WW5
#
_entry.id   4WW5
#
_cell.length_a   112.930
_cell.length_b   112.930
_cell.length_c   87.230
_cell.angle_alpha   90.00
_cell.angle_beta   90.00
_cell.angle_gamma   90.00
#
_symmetry.space_group_name_H-M   'I 41'
#
loop_
_entity.id
_entity.type
_entity.pdbx_description
1 polymer 'EKC/KEOPS complex subunit BUD32'
2 polymer 'EKC/KEOPS complex subunit CGI121'
3 non-polymer 'PHOSPHOAMINOPHOSPHONIC ACID-ADENYLATE ESTER'
4 non-polymer 'ACETATE ION'
5 non-polymer 'SULFATE ION'
6 non-polymer GLYCEROL
7 water water
#
loop_
_entity_poly.entity_id
_entity_poly.type
_entity_poly.pdbx_seq_one_letter_code
_entity_poly.pdbx_strand_id
1 'polypeptide(L)'
;MTQEFIDKVSSYLTPDVDIAPISQGAEAIVFTTTTHPYLPRAKDSHQKYIIKYRPPKRYRHPQIDQALTKHRTLNESRLL
AKLYLIPGLCVPQLIACDPYNGFIWLEFLGEDLPGGHGFSNLKNFLWMHDQDPYSDLVATTLRKVGRQIGLLHWNDYCHG
DLTSSNIVLVRDGARWTPHLIDFGLGSVSNLVEDKGVDLYVLERAILSTHSKHAEKYNAWIMEGFEEVYREQGAKGAKKL
KEVTKRFEEVRLRGRKRSMLG
;
A
2 'polypeptide(L)'
;MVVSIIPQFPDIKVSLALFEQVKNAKEIRSKMSELSTSFAFIDPRLVCSGEQMYSAIYKTLIEVKYNKMRTRNLNSECVL
CLSPTSNISDAFLKFGIKDDSSQLICLKFHTNTDDVDKEQLRTIMTSIVKGQEIEFNDDNLSRFYDEALIRKIYKLSDDF
KPQDVNGLSRALVDAIQLRGV
;
B
#
loop_
_chem_comp.id
_chem_comp.type
_chem_comp.name
_chem_comp.formula
ACT non-polymer 'ACETATE ION' 'C2 H3 O2 -1'
ANP non-polymer 'PHOSPHOAMINOPHOSPHONIC ACID-ADENYLATE ESTER' 'C10 H17 N6 O12 P3'
GOL non-polymer GLYCEROL 'C3 H8 O3'
SO4 non-polymer 'SULFATE ION' 'O4 S -2'
#
# COMPACT_ATOMS: atom_id res chain seq x y z
N PHE A 5 -7.26 -3.94 -25.11
CA PHE A 5 -7.52 -3.03 -23.98
C PHE A 5 -8.00 -3.82 -22.77
N ILE A 6 -9.29 -4.15 -22.75
CA ILE A 6 -9.79 -5.09 -21.76
C ILE A 6 -9.15 -6.43 -22.10
N ASP A 7 -8.84 -6.61 -23.38
CA ASP A 7 -8.16 -7.80 -23.88
C ASP A 7 -6.76 -7.95 -23.29
N LYS A 8 -5.96 -6.91 -23.38
CA LYS A 8 -4.58 -6.95 -22.90
C LYS A 8 -4.51 -7.13 -21.39
N VAL A 9 -5.38 -6.43 -20.67
CA VAL A 9 -5.46 -6.56 -19.22
C VAL A 9 -5.83 -7.96 -18.79
N SER A 10 -6.89 -8.51 -19.38
CA SER A 10 -7.32 -9.86 -19.01
C SER A 10 -6.27 -10.89 -19.39
N SER A 11 -5.51 -10.65 -20.46
CA SER A 11 -4.45 -11.57 -20.84
C SER A 11 -3.28 -11.51 -19.87
N TYR A 12 -2.98 -10.29 -19.43
CA TYR A 12 -1.89 -10.07 -18.49
C TYR A 12 -2.23 -10.72 -17.15
N LEU A 13 -3.45 -10.52 -16.69
CA LEU A 13 -3.90 -11.07 -15.42
C LEU A 13 -4.24 -12.56 -15.49
N THR A 14 -4.55 -13.06 -16.70
CA THR A 14 -5.06 -14.42 -16.90
C THR A 14 -6.49 -14.55 -16.39
N PRO A 15 -7.21 -15.58 -16.88
CA PRO A 15 -8.61 -15.79 -16.49
C PRO A 15 -8.81 -16.04 -14.99
N ASP A 16 -7.74 -16.29 -14.26
CA ASP A 16 -7.88 -16.50 -12.82
C ASP A 16 -8.28 -15.24 -12.03
N VAL A 17 -8.07 -14.08 -12.61
CA VAL A 17 -8.39 -12.82 -11.94
C VAL A 17 -9.63 -12.19 -12.56
N ASP A 18 -10.72 -12.16 -11.80
CA ASP A 18 -11.94 -11.48 -12.25
C ASP A 18 -11.71 -9.97 -12.26
N ILE A 19 -12.25 -9.30 -13.28
CA ILE A 19 -12.18 -7.83 -13.30
C ILE A 19 -13.49 -7.24 -13.77
N ALA A 20 -13.80 -6.07 -13.24
CA ALA A 20 -14.95 -5.29 -13.66
C ALA A 20 -14.50 -3.84 -13.85
N PRO A 21 -14.53 -3.33 -15.09
CA PRO A 21 -14.10 -1.95 -15.32
C PRO A 21 -15.02 -0.98 -14.57
N ILE A 22 -14.47 0.07 -13.99
CA ILE A 22 -15.31 1.08 -13.34
C ILE A 22 -15.07 2.49 -13.88
N SER A 23 -13.92 2.71 -14.51
CA SER A 23 -13.59 4.04 -15.03
C SER A 23 -12.57 3.92 -16.15
N GLN A 24 -12.71 4.74 -17.19
CA GLN A 24 -11.87 4.66 -18.38
C GLN A 24 -11.53 6.03 -18.95
N ALA A 28 -5.75 5.20 -19.81
CA ALA A 28 -5.81 4.50 -18.53
C ALA A 28 -7.20 3.97 -18.22
N ILE A 29 -7.25 2.96 -17.35
CA ILE A 29 -8.50 2.33 -16.96
C ILE A 29 -8.43 1.79 -15.53
N VAL A 30 -9.55 1.85 -14.82
CA VAL A 30 -9.61 1.38 -13.45
C VAL A 30 -10.62 0.25 -13.33
N PHE A 31 -10.18 -0.85 -12.71
CA PHE A 31 -11.03 -2.03 -12.47
C PHE A 31 -11.18 -2.30 -10.99
N THR A 32 -12.23 -3.04 -10.64
CA THR A 32 -12.28 -3.72 -9.36
C THR A 32 -12.11 -5.22 -9.61
N THR A 33 -11.62 -5.91 -8.59
CA THR A 33 -11.46 -7.35 -8.63
C THR A 33 -11.68 -7.87 -7.22
N THR A 34 -12.12 -9.13 -7.10
CA THR A 34 -12.25 -9.75 -5.79
C THR A 34 -11.01 -10.59 -5.46
N THR A 35 -10.07 -10.64 -6.40
CA THR A 35 -8.88 -11.48 -6.26
C THR A 35 -7.68 -10.67 -5.76
N HIS A 36 -7.11 -11.09 -4.64
CA HIS A 36 -5.86 -10.49 -4.16
C HIS A 36 -4.71 -10.91 -5.07
N PRO A 37 -3.80 -9.97 -5.40
CA PRO A 37 -2.74 -10.30 -6.36
C PRO A 37 -1.72 -11.32 -5.85
N TYR A 38 -1.64 -11.60 -4.55
CA TYR A 38 -0.64 -12.57 -4.09
C TYR A 38 -0.90 -13.37 -2.81
N LEU A 39 -1.80 -12.92 -1.94
CA LEU A 39 -2.17 -13.76 -0.80
C LEU A 39 -2.98 -14.96 -1.27
N PRO A 40 -2.75 -16.14 -0.66
CA PRO A 40 -3.55 -17.30 -1.03
C PRO A 40 -5.04 -17.06 -0.84
N ARG A 41 -5.86 -17.68 -1.69
CA ARG A 41 -7.30 -17.44 -1.67
C ARG A 41 -7.84 -17.70 -0.27
N ALA A 42 -8.71 -16.81 0.20
CA ALA A 42 -9.30 -16.91 1.54
C ALA A 42 -8.35 -16.53 2.67
N LYS A 43 -7.10 -16.22 2.33
CA LYS A 43 -6.15 -15.75 3.34
C LYS A 43 -6.01 -14.21 3.32
N ASP A 44 -6.68 -13.56 2.38
CA ASP A 44 -6.80 -12.10 2.39
C ASP A 44 -7.94 -11.71 3.32
N SER A 45 -8.21 -10.40 3.43
CA SER A 45 -9.26 -9.95 4.36
C SER A 45 -10.11 -8.77 3.87
N HIS A 46 -10.29 -8.66 2.56
CA HIS A 46 -11.17 -7.64 1.99
C HIS A 46 -11.92 -8.22 0.79
N GLN A 47 -13.17 -7.80 0.64
CA GLN A 47 -14.01 -8.31 -0.44
C GLN A 47 -13.45 -7.93 -1.81
N LYS A 48 -12.97 -6.70 -1.97
CA LYS A 48 -12.44 -6.31 -3.29
C LYS A 48 -11.28 -5.32 -3.26
N TYR A 49 -10.69 -5.13 -4.44
CA TYR A 49 -9.49 -4.31 -4.59
C TYR A 49 -9.62 -3.54 -5.89
N ILE A 50 -8.73 -2.57 -6.05
CA ILE A 50 -8.70 -1.72 -7.23
C ILE A 50 -7.46 -2.07 -8.04
N ILE A 51 -7.64 -2.13 -9.35
CA ILE A 51 -6.51 -2.22 -10.26
C ILE A 51 -6.52 -1.02 -11.18
N LYS A 52 -5.40 -0.29 -11.23
CA LYS A 52 -5.26 0.83 -12.13
C LYS A 52 -4.24 0.47 -13.19
N TYR A 53 -4.67 0.56 -14.44
CA TYR A 53 -3.82 0.26 -15.57
C TYR A 53 -3.58 1.52 -16.38
N ARG A 54 -2.31 1.79 -16.63
CA ARG A 54 -1.90 2.90 -17.48
C ARG A 54 -0.80 2.42 -18.42
N PRO A 55 -1.14 2.22 -19.69
CA PRO A 55 -0.12 1.82 -20.66
C PRO A 55 1.11 2.74 -20.60
N PRO A 56 2.30 2.17 -20.31
CA PRO A 56 3.55 2.94 -20.17
C PRO A 56 3.96 3.62 -21.48
N HIS A 71 4.85 10.30 -15.55
CA HIS A 71 4.93 8.93 -15.08
C HIS A 71 4.02 8.69 -13.89
N ARG A 72 2.72 8.75 -14.15
CA ARG A 72 1.71 8.73 -13.09
C ARG A 72 1.70 7.44 -12.26
N THR A 73 1.97 6.30 -12.88
CA THR A 73 1.97 5.02 -12.16
C THR A 73 3.05 5.02 -11.08
N LEU A 74 4.27 5.37 -11.48
CA LEU A 74 5.41 5.44 -10.57
C LEU A 74 5.17 6.52 -9.53
N ASN A 75 4.72 7.68 -9.99
CA ASN A 75 4.47 8.81 -9.10
C ASN A 75 3.46 8.47 -8.01
N GLU A 76 2.36 7.83 -8.38
CA GLU A 76 1.29 7.55 -7.42
C GLU A 76 1.72 6.53 -6.39
N SER A 77 2.42 5.50 -6.86
CA SER A 77 2.92 4.45 -5.98
C SER A 77 3.87 5.02 -4.93
N ARG A 78 4.85 5.81 -5.36
CA ARG A 78 5.83 6.37 -4.43
C ARG A 78 5.15 7.25 -3.39
N LEU A 79 4.21 8.08 -3.83
CA LEU A 79 3.52 9.00 -2.92
C LEU A 79 2.61 8.28 -1.94
N LEU A 80 1.86 7.29 -2.40
CA LEU A 80 1.01 6.51 -1.50
C LEU A 80 1.85 5.93 -0.36
N ALA A 81 3.03 5.43 -0.69
CA ALA A 81 3.92 4.83 0.31
C ALA A 81 4.44 5.86 1.32
N LYS A 82 4.85 7.02 0.79
CA LYS A 82 5.36 8.10 1.65
C LYS A 82 4.28 8.60 2.58
N LEU A 83 3.09 8.87 2.04
CA LEU A 83 2.00 9.40 2.84
C LEU A 83 1.52 8.46 3.94
N TYR A 84 1.52 7.15 3.69
CA TYR A 84 1.05 6.23 4.71
C TYR A 84 1.84 6.35 6.01
N LEU A 85 3.12 6.67 5.89
CA LEU A 85 4.01 6.71 7.06
C LEU A 85 3.73 7.92 7.94
N ILE A 86 3.01 8.90 7.40
CA ILE A 86 2.69 10.13 8.12
C ILE A 86 1.49 9.97 9.03
N PRO A 87 1.69 10.09 10.36
CA PRO A 87 0.59 9.89 11.29
C PRO A 87 -0.62 10.76 10.92
N GLY A 88 -1.81 10.17 11.00
CA GLY A 88 -3.06 10.88 10.74
C GLY A 88 -3.54 10.90 9.29
N LEU A 89 -2.66 10.63 8.34
CA LEU A 89 -3.03 10.75 6.94
C LEU A 89 -3.70 9.46 6.43
N CYS A 90 -4.83 9.61 5.74
CA CYS A 90 -5.61 8.44 5.35
C CYS A 90 -5.61 8.28 3.83
N VAL A 91 -4.90 7.28 3.33
CA VAL A 91 -4.78 7.04 1.89
C VAL A 91 -4.92 5.53 1.64
N PRO A 92 -5.28 5.13 0.41
CA PRO A 92 -5.43 3.68 0.15
C PRO A 92 -4.11 2.94 0.26
N GLN A 93 -4.16 1.71 0.76
CA GLN A 93 -2.97 0.87 0.78
C GLN A 93 -2.48 0.57 -0.64
N LEU A 94 -1.16 0.68 -0.82
CA LEU A 94 -0.50 0.21 -2.03
C LEU A 94 -0.20 -1.28 -1.84
N ILE A 95 -0.89 -2.12 -2.60
CA ILE A 95 -0.80 -3.56 -2.43
C ILE A 95 0.24 -4.18 -3.35
N ALA A 96 0.28 -3.73 -4.60
CA ALA A 96 1.15 -4.33 -5.60
C ALA A 96 1.46 -3.32 -6.68
N CYS A 97 2.68 -3.36 -7.20
CA CYS A 97 3.08 -2.43 -8.27
C CYS A 97 3.87 -3.20 -9.32
N ASP A 98 3.43 -3.12 -10.57
CA ASP A 98 4.21 -3.60 -11.70
C ASP A 98 4.49 -2.40 -12.59
N PRO A 99 5.63 -1.73 -12.38
CA PRO A 99 5.97 -0.52 -13.13
C PRO A 99 6.34 -0.84 -14.59
N TYR A 100 6.70 -2.08 -14.85
CA TYR A 100 7.08 -2.47 -16.21
C TYR A 100 5.89 -2.50 -17.15
N ASN A 101 4.72 -2.86 -16.63
CA ASN A 101 3.52 -2.94 -17.46
C ASN A 101 2.46 -1.89 -17.13
N GLY A 102 2.69 -1.11 -16.07
CA GLY A 102 1.81 -0.02 -15.72
C GLY A 102 0.60 -0.38 -14.85
N PHE A 103 0.77 -1.38 -13.99
CA PHE A 103 -0.33 -1.80 -13.12
C PHE A 103 -0.04 -1.45 -11.66
N ILE A 104 -1.04 -0.92 -10.98
CA ILE A 104 -0.97 -0.86 -9.52
C ILE A 104 -2.28 -1.38 -8.91
N TRP A 105 -2.14 -2.13 -7.83
CA TRP A 105 -3.28 -2.69 -7.12
C TRP A 105 -3.40 -1.94 -5.81
N LEU A 106 -4.62 -1.47 -5.53
CA LEU A 106 -4.86 -0.64 -4.36
C LEU A 106 -6.02 -1.17 -3.54
N GLU A 107 -5.99 -0.84 -2.26
CA GLU A 107 -7.12 -1.04 -1.38
C GLU A 107 -8.34 -0.33 -1.96
N PHE A 108 -9.50 -0.99 -1.92
CA PHE A 108 -10.76 -0.36 -2.29
C PHE A 108 -11.34 0.39 -1.11
N LEU A 109 -11.48 1.71 -1.23
CA LEU A 109 -12.07 2.51 -0.18
C LEU A 109 -13.49 2.93 -0.53
N GLY A 110 -14.34 3.05 0.48
CA GLY A 110 -15.68 3.58 0.27
C GLY A 110 -16.72 2.50 0.05
N GLU A 111 -17.94 2.92 -0.25
CA GLU A 111 -19.04 2.00 -0.42
C GLU A 111 -20.19 2.74 -1.09
N ASP A 112 -21.28 2.03 -1.35
CA ASP A 112 -22.46 2.67 -1.93
C ASP A 112 -23.28 3.30 -0.83
N LEU A 113 -23.62 4.58 -1.01
CA LEU A 113 -24.45 5.28 -0.05
C LEU A 113 -25.85 4.66 -0.08
N PRO A 114 -26.53 4.62 1.07
CA PRO A 114 -27.89 4.05 1.09
C PRO A 114 -28.83 4.90 0.24
N GLY A 115 -29.92 4.31 -0.25
CA GLY A 115 -30.90 5.05 -1.02
C GLY A 115 -30.45 5.38 -2.42
N GLY A 116 -29.50 4.60 -2.93
CA GLY A 116 -28.97 4.79 -4.27
C GLY A 116 -28.33 6.16 -4.48
N HIS A 117 -27.82 6.75 -3.41
CA HIS A 117 -27.18 8.06 -3.54
C HIS A 117 -25.77 7.99 -4.14
N GLY A 118 -25.28 6.76 -4.34
CA GLY A 118 -24.06 6.57 -5.10
C GLY A 118 -22.82 6.26 -4.28
N PHE A 119 -21.67 6.17 -4.96
CA PHE A 119 -20.41 5.89 -4.31
C PHE A 119 -20.08 7.00 -3.30
N SER A 120 -19.55 6.61 -2.16
CA SER A 120 -19.37 7.53 -1.03
C SER A 120 -18.17 8.48 -1.15
N ASN A 121 -17.99 9.11 -2.30
CA ASN A 121 -17.03 10.21 -2.39
C ASN A 121 -17.69 11.47 -1.85
N LEU A 122 -16.92 12.53 -1.64
CA LEU A 122 -17.42 13.71 -0.96
C LEU A 122 -18.54 14.40 -1.75
N LYS A 123 -18.40 14.42 -3.08
CA LYS A 123 -19.41 14.98 -3.99
C LYS A 123 -20.79 14.37 -3.75
N ASN A 124 -20.88 13.04 -3.75
CA ASN A 124 -22.16 12.36 -3.59
C ASN A 124 -22.70 12.51 -2.18
N PHE A 125 -21.80 12.50 -1.20
CA PHE A 125 -22.20 12.71 0.18
C PHE A 125 -22.82 14.11 0.32
N LEU A 126 -22.16 15.13 -0.21
CA LEU A 126 -22.70 16.49 -0.15
C LEU A 126 -24.06 16.61 -0.85
N TRP A 127 -24.17 16.02 -2.03
CA TRP A 127 -25.41 16.07 -2.77
C TRP A 127 -26.53 15.43 -1.96
N MET A 128 -26.23 14.29 -1.34
CA MET A 128 -27.18 13.54 -0.54
C MET A 128 -27.72 14.36 0.63
N HIS A 129 -26.87 15.20 1.23
CA HIS A 129 -27.28 15.97 2.39
C HIS A 129 -27.62 17.41 2.04
N ASP A 130 -27.69 17.73 0.75
CA ASP A 130 -27.76 19.13 0.35
C ASP A 130 -29.01 19.89 0.79
N GLN A 131 -30.12 19.16 0.98
CA GLN A 131 -31.36 19.79 1.46
C GLN A 131 -31.36 20.06 2.97
N ASP A 132 -30.54 19.34 3.72
CA ASP A 132 -30.45 19.57 5.17
C ASP A 132 -29.04 19.32 5.72
N PRO A 133 -28.12 20.22 5.40
CA PRO A 133 -26.69 20.04 5.72
C PRO A 133 -26.27 20.50 7.12
N TYR A 134 -27.12 21.22 7.82
CA TYR A 134 -26.75 21.74 9.15
C TYR A 134 -26.89 20.69 10.25
N SER A 135 -25.98 19.73 10.23
CA SER A 135 -26.00 18.64 11.19
C SER A 135 -24.57 18.39 11.64
N ASP A 136 -24.43 17.78 12.81
CA ASP A 136 -23.12 17.47 13.36
C ASP A 136 -22.35 16.56 12.40
N LEU A 137 -23.06 15.60 11.81
CA LEU A 137 -22.45 14.67 10.86
C LEU A 137 -21.79 15.42 9.72
N VAL A 138 -22.52 16.33 9.07
CA VAL A 138 -21.98 16.99 7.89
C VAL A 138 -20.78 17.89 8.23
N ALA A 139 -20.97 18.80 9.17
CA ALA A 139 -19.91 19.71 9.58
C ALA A 139 -18.67 18.97 10.08
N THR A 140 -18.87 17.97 10.94
CA THR A 140 -17.75 17.21 11.49
C THR A 140 -16.99 16.48 10.37
N THR A 141 -17.73 15.85 9.48
CA THR A 141 -17.11 15.17 8.35
C THR A 141 -16.27 16.13 7.49
N LEU A 142 -16.83 17.30 7.18
CA LEU A 142 -16.13 18.26 6.32
C LEU A 142 -14.90 18.84 7.01
N ARG A 143 -14.98 18.99 8.32
CA ARG A 143 -13.80 19.42 9.06
C ARG A 143 -12.71 18.35 8.98
N LYS A 144 -13.12 17.08 9.04
CA LYS A 144 -12.16 15.99 8.87
C LYS A 144 -11.52 16.00 7.47
N VAL A 145 -12.28 16.37 6.45
CA VAL A 145 -11.74 16.57 5.11
C VAL A 145 -10.63 17.63 5.13
N GLY A 146 -10.92 18.77 5.77
CA GLY A 146 -9.94 19.85 5.85
C GLY A 146 -8.69 19.42 6.60
N ARG A 147 -8.86 18.57 7.60
CA ARG A 147 -7.72 18.10 8.37
C ARG A 147 -6.78 17.23 7.55
N GLN A 148 -7.34 16.44 6.63
CA GLN A 148 -6.52 15.60 5.75
C GLN A 148 -5.67 16.45 4.83
N ILE A 149 -6.28 17.49 4.27
CA ILE A 149 -5.58 18.39 3.37
C ILE A 149 -4.52 19.19 4.13
N GLY A 150 -4.83 19.57 5.37
CA GLY A 150 -3.87 20.30 6.20
C GLY A 150 -2.65 19.47 6.52
N LEU A 151 -2.88 18.20 6.85
CA LEU A 151 -1.78 17.27 7.10
C LEU A 151 -0.93 17.12 5.84
N LEU A 152 -1.59 17.01 4.70
CA LEU A 152 -0.89 16.89 3.42
C LEU A 152 0.04 18.09 3.19
N HIS A 153 -0.55 19.28 3.30
CA HIS A 153 0.18 20.51 3.05
C HIS A 153 1.23 20.79 4.14
N TRP A 154 0.86 20.59 5.39
CA TRP A 154 1.82 20.79 6.46
C TRP A 154 3.11 20.01 6.17
N ASN A 155 2.95 18.81 5.64
CA ASN A 155 4.08 17.93 5.37
C ASN A 155 4.73 18.17 4.00
N ASP A 156 4.34 19.27 3.37
CA ASP A 156 4.89 19.69 2.08
C ASP A 156 4.60 18.71 0.92
N TYR A 157 3.36 18.22 0.85
CA TYR A 157 2.92 17.47 -0.31
C TYR A 157 1.76 18.21 -0.96
N CYS A 158 1.61 18.03 -2.27
CA CYS A 158 0.46 18.54 -3.01
C CYS A 158 -0.25 17.40 -3.74
N HIS A 159 -1.57 17.50 -3.83
CA HIS A 159 -2.37 16.45 -4.45
C HIS A 159 -2.36 16.56 -5.98
N GLY A 160 -2.62 17.76 -6.49
CA GLY A 160 -2.53 18.03 -7.92
C GLY A 160 -3.85 17.96 -8.66
N ASP A 161 -4.88 17.46 -8.00
CA ASP A 161 -6.19 17.31 -8.62
C ASP A 161 -7.23 17.11 -7.52
N LEU A 162 -7.25 18.06 -6.60
CA LEU A 162 -8.04 17.93 -5.38
C LEU A 162 -9.51 18.30 -5.60
N THR A 163 -10.25 17.42 -6.27
CA THR A 163 -11.67 17.61 -6.50
C THR A 163 -12.50 16.85 -5.46
N SER A 164 -13.80 17.07 -5.45
CA SER A 164 -14.68 16.42 -4.50
C SER A 164 -14.84 14.94 -4.83
N SER A 165 -14.40 14.56 -6.03
CA SER A 165 -14.40 13.16 -6.44
C SER A 165 -13.17 12.39 -5.94
N ASN A 166 -12.13 13.13 -5.54
CA ASN A 166 -10.88 12.50 -5.10
C ASN A 166 -10.73 12.46 -3.59
N ILE A 167 -11.85 12.68 -2.91
CA ILE A 167 -11.94 12.54 -1.46
C ILE A 167 -13.03 11.50 -1.19
N VAL A 168 -12.62 10.39 -0.58
CA VAL A 168 -13.53 9.26 -0.41
C VAL A 168 -13.83 9.03 1.07
N LEU A 169 -15.12 8.92 1.38
CA LEU A 169 -15.55 8.69 2.75
C LEU A 169 -15.63 7.21 3.07
N VAL A 170 -14.95 6.80 4.14
CA VAL A 170 -14.98 5.41 4.61
C VAL A 170 -15.84 5.35 5.87
N ARG A 171 -16.79 4.42 5.88
CA ARG A 171 -17.75 4.37 6.99
C ARG A 171 -17.08 3.87 8.26
N ASP A 172 -17.36 4.54 9.37
CA ASP A 172 -16.84 4.13 10.67
C ASP A 172 -17.99 4.22 11.67
N GLY A 173 -18.83 3.20 11.66
CA GLY A 173 -20.05 3.21 12.45
C GLY A 173 -21.03 4.22 11.89
N ALA A 174 -21.36 5.21 12.70
CA ALA A 174 -22.26 6.27 12.27
C ALA A 174 -21.47 7.47 11.77
N ARG A 175 -20.14 7.36 11.76
CA ARG A 175 -19.26 8.45 11.34
C ARG A 175 -18.68 8.16 9.96
N TRP A 176 -17.98 9.14 9.39
CA TRP A 176 -17.29 8.94 8.12
C TRP A 176 -15.83 9.34 8.29
N THR A 177 -14.94 8.58 7.66
CA THR A 177 -13.52 8.88 7.73
C THR A 177 -12.97 9.23 6.35
N PRO A 178 -12.75 10.53 6.11
CA PRO A 178 -12.26 10.98 4.80
C PRO A 178 -10.87 10.43 4.48
N HIS A 179 -10.72 9.90 3.26
CA HIS A 179 -9.44 9.47 2.73
C HIS A 179 -9.18 10.22 1.44
N LEU A 180 -7.91 10.43 1.10
CA LEU A 180 -7.57 11.03 -0.18
C LEU A 180 -7.16 9.96 -1.16
N ILE A 181 -7.56 10.09 -2.41
CA ILE A 181 -7.20 9.11 -3.43
C ILE A 181 -6.67 9.81 -4.68
N ASP A 182 -6.16 9.02 -5.62
CA ASP A 182 -5.75 9.47 -6.94
C ASP A 182 -4.59 10.46 -6.90
N PHE A 183 -3.39 9.96 -6.60
CA PHE A 183 -2.21 10.81 -6.48
C PHE A 183 -1.31 10.81 -7.71
N GLY A 184 -1.87 10.43 -8.86
CA GLY A 184 -1.13 10.45 -10.11
C GLY A 184 -0.44 11.77 -10.44
N LEU A 185 -1.04 12.89 -10.03
CA LEU A 185 -0.49 14.22 -10.30
C LEU A 185 0.07 14.86 -9.05
N GLY A 186 0.25 14.07 -7.99
CA GLY A 186 0.77 14.59 -6.74
C GLY A 186 2.24 14.96 -6.85
N SER A 187 2.76 15.60 -5.81
CA SER A 187 4.16 16.01 -5.80
C SER A 187 4.63 16.41 -4.42
N VAL A 188 5.95 16.42 -4.24
CA VAL A 188 6.54 17.02 -3.05
C VAL A 188 6.70 18.49 -3.38
N SER A 189 6.32 19.35 -2.44
CA SER A 189 6.39 20.79 -2.69
C SER A 189 6.19 21.58 -1.41
N ASN A 190 7.08 22.54 -1.18
CA ASN A 190 6.98 23.42 -0.03
C ASN A 190 6.52 24.80 -0.47
N LEU A 191 6.12 24.90 -1.73
CA LEU A 191 5.68 26.16 -2.31
C LEU A 191 4.23 26.46 -1.93
N VAL A 192 4.01 27.62 -1.32
CA VAL A 192 2.65 28.03 -0.97
C VAL A 192 1.78 28.20 -2.20
N GLU A 193 2.39 28.46 -3.34
CA GLU A 193 1.63 28.58 -4.58
C GLU A 193 0.89 27.27 -4.89
N ASP A 194 1.57 26.14 -4.74
CA ASP A 194 0.96 24.84 -5.02
C ASP A 194 -0.09 24.49 -3.98
N LYS A 195 0.15 24.85 -2.73
CA LYS A 195 -0.81 24.63 -1.66
C LYS A 195 -2.07 25.44 -1.90
N GLY A 196 -1.90 26.70 -2.29
CA GLY A 196 -3.02 27.56 -2.61
C GLY A 196 -3.83 27.05 -3.79
N VAL A 197 -3.17 26.55 -4.82
CA VAL A 197 -3.88 26.04 -5.98
C VAL A 197 -4.69 24.78 -5.64
N ASP A 198 -4.12 23.89 -4.82
CA ASP A 198 -4.85 22.71 -4.35
C ASP A 198 -6.15 23.13 -3.68
N LEU A 199 -6.06 24.08 -2.76
CA LEU A 199 -7.22 24.54 -2.01
C LEU A 199 -8.23 25.18 -2.94
N TYR A 200 -7.73 25.93 -3.91
CA TYR A 200 -8.59 26.62 -4.87
C TYR A 200 -9.31 25.61 -5.75
N VAL A 201 -8.59 24.59 -6.19
CA VAL A 201 -9.22 23.55 -7.00
C VAL A 201 -10.40 22.91 -6.25
N LEU A 202 -10.22 22.62 -4.97
CA LEU A 202 -11.30 22.03 -4.20
C LEU A 202 -12.43 23.04 -3.95
N GLU A 203 -12.05 24.25 -3.54
CA GLU A 203 -13.04 25.31 -3.36
C GLU A 203 -13.95 25.41 -4.59
N ARG A 204 -13.35 25.49 -5.78
CA ARG A 204 -14.13 25.67 -7.02
C ARG A 204 -14.99 24.44 -7.35
N ALA A 205 -14.47 23.25 -7.06
CA ALA A 205 -15.22 22.02 -7.30
C ALA A 205 -16.47 21.98 -6.43
N ILE A 206 -16.33 22.41 -5.19
CA ILE A 206 -17.46 22.44 -4.26
C ILE A 206 -18.48 23.49 -4.73
N LEU A 207 -17.98 24.65 -5.17
CA LEU A 207 -18.86 25.73 -5.64
C LEU A 207 -19.58 25.39 -6.94
N SER A 208 -18.98 24.53 -7.75
CA SER A 208 -19.49 24.26 -9.09
C SER A 208 -20.82 23.51 -9.08
N THR A 209 -21.24 23.00 -7.93
CA THR A 209 -22.55 22.33 -7.85
C THR A 209 -23.66 23.38 -7.82
N HIS A 210 -23.27 24.64 -7.59
CA HIS A 210 -24.19 25.75 -7.47
C HIS A 210 -25.12 25.64 -6.27
N SER A 211 -24.82 24.74 -5.33
CA SER A 211 -25.62 24.62 -4.13
C SER A 211 -25.57 25.89 -3.29
N LYS A 212 -26.68 26.21 -2.64
CA LYS A 212 -26.76 27.39 -1.79
C LYS A 212 -25.81 27.26 -0.62
N HIS A 213 -25.48 26.03 -0.28
CA HIS A 213 -24.68 25.75 0.92
C HIS A 213 -23.22 25.56 0.62
N ALA A 214 -22.83 25.78 -0.63
CA ALA A 214 -21.46 25.48 -1.06
C ALA A 214 -20.44 26.28 -0.27
N GLU A 215 -20.76 27.54 0.01
CA GLU A 215 -19.87 28.42 0.77
C GLU A 215 -19.67 27.88 2.19
N LYS A 216 -20.75 27.42 2.80
CA LYS A 216 -20.65 26.88 4.14
C LYS A 216 -19.74 25.65 4.14
N TYR A 217 -19.93 24.77 3.17
CA TYR A 217 -19.13 23.55 3.08
C TYR A 217 -17.66 23.88 3.05
N ASN A 218 -17.29 24.83 2.20
CA ASN A 218 -15.89 25.24 2.09
C ASN A 218 -15.39 25.84 3.39
N ALA A 219 -16.27 26.52 4.11
CA ALA A 219 -15.86 27.14 5.39
C ALA A 219 -15.57 26.06 6.43
N TRP A 220 -16.37 25.00 6.45
CA TRP A 220 -16.12 23.90 7.37
C TRP A 220 -14.81 23.20 7.02
N ILE A 221 -14.58 22.97 5.74
CA ILE A 221 -13.33 22.37 5.29
C ILE A 221 -12.13 23.22 5.75
N MET A 222 -12.24 24.53 5.57
CA MET A 222 -11.16 25.41 5.95
C MET A 222 -10.91 25.40 7.46
N GLU A 223 -11.97 25.23 8.26
CA GLU A 223 -11.81 25.12 9.70
C GLU A 223 -10.92 23.94 10.10
N GLY A 224 -11.10 22.80 9.46
CA GLY A 224 -10.26 21.65 9.75
C GLY A 224 -8.84 21.85 9.29
N PHE A 225 -8.68 22.47 8.12
CA PHE A 225 -7.36 22.78 7.58
C PHE A 225 -6.59 23.65 8.59
N GLU A 226 -7.24 24.70 9.05
CA GLU A 226 -6.60 25.66 9.96
C GLU A 226 -6.22 25.03 11.30
N GLU A 227 -7.11 24.21 11.84
CA GLU A 227 -6.84 23.54 13.11
C GLU A 227 -5.52 22.76 13.08
N VAL A 228 -5.23 22.13 11.93
CA VAL A 228 -3.99 21.39 11.78
C VAL A 228 -2.79 22.29 12.00
N TYR A 229 -2.80 23.45 11.34
CA TYR A 229 -1.68 24.38 11.42
C TYR A 229 -1.59 25.03 12.80
N ARG A 230 -2.73 25.28 13.42
CA ARG A 230 -2.74 25.92 14.74
C ARG A 230 -2.32 24.97 15.86
N GLU A 231 -2.29 23.69 15.57
CA GLU A 231 -1.78 22.71 16.51
C GLU A 231 -0.24 22.73 16.53
N GLN A 232 0.33 23.43 15.55
CA GLN A 232 1.79 23.47 15.39
C GLN A 232 2.42 24.74 15.95
N GLY A 233 1.83 25.27 17.01
CA GLY A 233 2.40 26.39 17.73
C GLY A 233 2.61 27.62 16.88
N ALA A 234 3.68 28.36 17.19
CA ALA A 234 3.92 29.64 16.55
C ALA A 234 4.31 29.48 15.08
N LYS A 235 5.08 28.43 14.81
CA LYS A 235 5.54 28.15 13.46
C LYS A 235 4.37 27.79 12.57
N GLY A 236 3.39 27.11 13.14
CA GLY A 236 2.20 26.71 12.41
C GLY A 236 1.33 27.90 12.06
N ALA A 237 1.21 28.83 13.02
CA ALA A 237 0.41 30.02 12.82
C ALA A 237 0.98 30.90 11.72
N LYS A 238 2.31 31.00 11.67
CA LYS A 238 2.98 31.78 10.63
C LYS A 238 2.86 31.11 9.27
N LYS A 239 3.01 29.78 9.24
CA LYS A 239 2.87 29.03 7.99
C LYS A 239 1.44 29.13 7.49
N LEU A 240 0.49 29.11 8.41
CA LEU A 240 -0.91 29.25 8.04
C LEU A 240 -1.21 30.61 7.39
N LYS A 241 -0.74 31.69 8.02
CA LYS A 241 -0.92 33.02 7.43
C LYS A 241 -0.38 33.06 6.01
N GLU A 242 0.80 32.48 5.80
CA GLU A 242 1.40 32.45 4.46
C GLU A 242 0.51 31.75 3.44
N VAL A 243 -0.03 30.59 3.80
CA VAL A 243 -0.83 29.81 2.87
C VAL A 243 -2.15 30.52 2.61
N THR A 244 -2.75 31.06 3.67
CA THR A 244 -4.04 31.72 3.52
C THR A 244 -3.90 33.01 2.71
N LYS A 245 -2.75 33.65 2.80
CA LYS A 245 -2.50 34.86 2.01
C LYS A 245 -2.39 34.51 0.52
N ARG A 246 -1.56 33.51 0.21
CA ARG A 246 -1.40 33.03 -1.16
C ARG A 246 -2.73 32.53 -1.73
N PHE A 247 -3.51 31.88 -0.88
CA PHE A 247 -4.78 31.29 -1.32
C PHE A 247 -5.77 32.38 -1.72
N GLU A 248 -5.80 33.48 -0.97
CA GLU A 248 -6.64 34.62 -1.34
C GLU A 248 -6.19 35.23 -2.67
N GLU A 249 -4.87 35.29 -2.88
CA GLU A 249 -4.33 35.79 -4.14
C GLU A 249 -4.73 34.91 -5.31
N VAL A 250 -4.70 33.59 -5.08
CA VAL A 250 -5.10 32.64 -6.11
C VAL A 250 -6.57 32.81 -6.47
N ARG A 251 -7.40 33.04 -5.46
CA ARG A 251 -8.82 33.30 -5.71
C ARG A 251 -8.97 34.54 -6.60
N LEU A 252 -8.21 35.57 -6.28
CA LEU A 252 -8.22 36.82 -7.06
C LEU A 252 -7.79 36.54 -8.49
N ARG A 253 -6.67 35.86 -8.67
CA ARG A 253 -6.17 35.55 -10.00
C ARG A 253 -6.95 34.45 -10.72
N GLY A 254 -7.91 33.84 -10.02
CA GLY A 254 -8.70 32.78 -10.60
C GLY A 254 -9.88 33.30 -11.40
N ARG A 255 -10.25 34.56 -11.16
CA ARG A 255 -11.38 35.18 -11.83
C ARG A 255 -10.95 36.27 -12.80
N LYS A 256 -11.75 36.48 -13.85
CA LYS A 256 -11.47 37.51 -14.84
C LYS A 256 -11.28 38.88 -14.18
N ARG A 257 -10.31 39.65 -14.66
CA ARG A 257 -10.03 40.97 -14.12
C ARG A 257 -9.94 41.99 -15.24
N MET B 1 3.48 -26.88 6.53
CA MET B 1 4.07 -26.42 5.28
C MET B 1 2.95 -26.01 4.35
N VAL B 2 3.16 -24.96 3.54
CA VAL B 2 2.13 -24.50 2.61
C VAL B 2 2.62 -24.43 1.17
N VAL B 3 1.77 -24.85 0.23
CA VAL B 3 2.07 -24.75 -1.20
C VAL B 3 1.10 -23.74 -1.80
N SER B 4 1.65 -22.73 -2.46
CA SER B 4 0.83 -21.64 -2.96
C SER B 4 1.14 -21.29 -4.41
N ILE B 5 0.22 -20.53 -5.03
CA ILE B 5 0.43 -19.99 -6.36
C ILE B 5 0.02 -18.51 -6.40
N ILE B 6 0.73 -17.73 -7.21
CA ILE B 6 0.35 -16.34 -7.47
C ILE B 6 -0.62 -16.35 -8.66
N PRO B 7 -1.80 -15.70 -8.51
CA PRO B 7 -2.84 -15.77 -9.55
C PRO B 7 -2.36 -15.62 -11.00
N GLN B 8 -1.56 -14.60 -11.28
CA GLN B 8 -1.16 -14.41 -12.67
C GLN B 8 -0.04 -15.33 -13.14
N PHE B 9 0.42 -16.21 -12.24
CA PHE B 9 1.47 -17.18 -12.57
C PHE B 9 1.05 -18.58 -12.13
N PRO B 10 -0.01 -19.14 -12.76
CA PRO B 10 -0.60 -20.40 -12.29
C PRO B 10 0.35 -21.60 -12.32
N ASP B 11 1.38 -21.57 -13.16
CA ASP B 11 2.26 -22.72 -13.31
C ASP B 11 3.46 -22.73 -12.38
N ILE B 12 3.59 -21.70 -11.55
CA ILE B 12 4.70 -21.65 -10.60
C ILE B 12 4.20 -21.82 -9.16
N LYS B 13 4.60 -22.92 -8.53
CA LYS B 13 4.20 -23.16 -7.17
C LYS B 13 5.34 -22.78 -6.23
N VAL B 14 4.97 -22.31 -5.04
CA VAL B 14 5.97 -21.96 -4.04
C VAL B 14 5.63 -22.71 -2.77
N SER B 15 6.61 -23.39 -2.20
CA SER B 15 6.43 -24.02 -0.91
C SER B 15 7.11 -23.17 0.16
N LEU B 16 6.42 -23.00 1.29
CA LEU B 16 6.92 -22.23 2.41
C LEU B 16 6.76 -23.07 3.68
N ALA B 17 7.84 -23.19 4.45
CA ALA B 17 7.74 -23.88 5.75
C ALA B 17 8.47 -23.10 6.83
N LEU B 18 8.01 -23.24 8.07
CA LEU B 18 8.57 -22.52 9.21
C LEU B 18 9.11 -23.53 10.22
N PHE B 19 10.33 -23.31 10.70
CA PHE B 19 10.92 -24.18 11.72
C PHE B 19 11.30 -23.38 12.97
N GLU B 20 11.07 -23.97 14.14
CA GLU B 20 11.61 -23.40 15.38
C GLU B 20 12.58 -24.37 16.04
N GLN B 21 13.23 -23.91 17.11
CA GLN B 21 14.26 -24.70 17.81
C GLN B 21 15.25 -25.28 16.83
N VAL B 22 15.69 -24.46 15.87
CA VAL B 22 16.65 -24.91 14.88
C VAL B 22 18.05 -25.01 15.51
N LYS B 23 18.73 -26.13 15.27
CA LYS B 23 19.99 -26.41 15.96
C LYS B 23 21.24 -26.32 15.09
N ASN B 24 21.06 -26.40 13.77
CA ASN B 24 22.19 -26.51 12.86
C ASN B 24 22.21 -25.45 11.78
N ALA B 25 21.86 -24.22 12.14
CA ALA B 25 21.89 -23.13 11.17
C ALA B 25 23.28 -22.97 10.59
N LYS B 26 24.29 -23.00 11.45
CA LYS B 26 25.67 -22.84 11.00
C LYS B 26 26.01 -23.90 9.95
N GLU B 27 25.61 -25.14 10.23
CA GLU B 27 25.82 -26.25 9.30
C GLU B 27 25.06 -26.02 7.99
N ILE B 28 23.79 -25.58 8.09
CA ILE B 28 23.03 -25.34 6.87
C ILE B 28 23.73 -24.31 6.00
N ARG B 29 24.20 -23.24 6.61
CA ARG B 29 24.86 -22.17 5.86
C ARG B 29 26.14 -22.64 5.16
N SER B 30 26.90 -23.49 5.82
CA SER B 30 28.16 -23.98 5.25
C SER B 30 27.95 -24.95 4.09
N LYS B 31 26.77 -25.57 4.03
CA LYS B 31 26.47 -26.53 2.97
C LYS B 31 25.53 -25.94 1.92
N MET B 32 25.25 -24.65 2.05
CA MET B 32 24.27 -24.01 1.18
C MET B 32 24.74 -24.02 -0.27
N SER B 33 26.05 -24.20 -0.46
CA SER B 33 26.60 -24.37 -1.81
C SER B 33 26.33 -25.79 -2.30
N GLU B 34 26.65 -26.76 -1.47
CA GLU B 34 26.58 -28.17 -1.83
C GLU B 34 25.18 -28.72 -2.19
N LEU B 35 24.15 -28.23 -1.51
CA LEU B 35 22.82 -28.81 -1.61
C LEU B 35 22.41 -29.21 -3.03
N SER B 38 17.67 -27.13 -4.12
CA SER B 38 17.74 -25.67 -3.99
C SER B 38 16.60 -25.10 -3.13
N PHE B 39 16.98 -24.43 -2.04
CA PHE B 39 16.04 -23.74 -1.16
C PHE B 39 16.57 -22.34 -0.88
N ALA B 40 15.70 -21.44 -0.43
CA ALA B 40 16.18 -20.25 0.26
C ALA B 40 15.87 -20.44 1.74
N PHE B 41 16.82 -20.06 2.60
CA PHE B 41 16.69 -20.17 4.04
C PHE B 41 16.66 -18.76 4.60
N ILE B 42 15.48 -18.36 5.05
CA ILE B 42 15.21 -16.96 5.35
C ILE B 42 15.08 -16.76 6.85
N ASP B 43 15.58 -15.62 7.33
CA ASP B 43 15.61 -15.28 8.74
C ASP B 43 14.25 -14.67 9.12
N PRO B 44 13.47 -15.38 9.96
CA PRO B 44 12.12 -14.95 10.31
C PRO B 44 12.08 -13.68 11.18
N ARG B 45 13.22 -13.28 11.75
CA ARG B 45 13.28 -12.03 12.48
C ARG B 45 12.91 -10.81 11.62
N LEU B 46 13.06 -10.96 10.30
CA LEU B 46 12.75 -9.86 9.38
C LEU B 46 11.39 -10.04 8.69
N VAL B 47 10.66 -11.11 9.04
CA VAL B 47 9.40 -11.41 8.36
C VAL B 47 8.25 -11.39 9.37
N CYS B 48 7.39 -10.40 9.28
CA CYS B 48 6.36 -10.26 10.29
C CYS B 48 5.00 -10.81 9.88
N SER B 49 4.85 -11.17 8.59
CA SER B 49 3.55 -11.63 8.10
C SER B 49 3.62 -12.39 6.78
N GLY B 50 2.57 -13.17 6.51
CA GLY B 50 2.39 -13.79 5.22
C GLY B 50 2.29 -12.73 4.12
N GLU B 51 1.55 -11.66 4.40
CA GLU B 51 1.37 -10.60 3.41
C GLU B 51 2.72 -10.11 2.88
N GLN B 52 3.65 -9.84 3.80
CA GLN B 52 4.99 -9.42 3.45
C GLN B 52 5.71 -10.43 2.54
N MET B 53 5.73 -11.68 2.97
CA MET B 53 6.42 -12.73 2.25
C MET B 53 5.83 -12.92 0.84
N TYR B 54 4.51 -13.05 0.77
CA TYR B 54 3.86 -13.23 -0.54
C TYR B 54 4.08 -12.02 -1.45
N SER B 55 4.14 -10.82 -0.87
CA SER B 55 4.38 -9.62 -1.68
C SER B 55 5.76 -9.68 -2.35
N ALA B 56 6.75 -10.22 -1.63
CA ALA B 56 8.08 -10.44 -2.20
C ALA B 56 8.06 -11.53 -3.28
N ILE B 57 7.30 -12.59 -3.05
CA ILE B 57 7.18 -13.63 -4.07
C ILE B 57 6.56 -13.04 -5.35
N TYR B 58 5.53 -12.22 -5.18
CA TYR B 58 4.93 -11.51 -6.33
C TYR B 58 5.98 -10.65 -7.06
N LYS B 59 6.71 -9.83 -6.30
CA LYS B 59 7.72 -8.97 -6.92
C LYS B 59 8.78 -9.77 -7.70
N THR B 60 9.16 -10.93 -7.14
CA THR B 60 10.13 -11.80 -7.77
C THR B 60 9.67 -12.25 -9.15
N LEU B 61 8.43 -12.71 -9.23
CA LEU B 61 7.88 -13.23 -10.48
C LEU B 61 7.70 -12.11 -11.52
N ILE B 62 7.25 -10.94 -11.07
CA ILE B 62 7.14 -9.76 -11.91
C ILE B 62 8.52 -9.35 -12.47
N GLU B 63 9.52 -9.33 -11.59
CA GLU B 63 10.86 -8.92 -11.99
C GLU B 63 11.43 -9.84 -13.06
N VAL B 64 11.36 -11.15 -12.81
CA VAL B 64 11.98 -12.12 -13.69
C VAL B 64 11.25 -12.17 -15.02
N LYS B 65 9.93 -12.12 -14.97
CA LYS B 65 9.13 -12.14 -16.18
C LYS B 65 9.31 -10.89 -17.01
N TYR B 66 9.21 -9.72 -16.38
CA TYR B 66 9.11 -8.48 -17.14
C TYR B 66 10.33 -7.53 -17.09
N ASN B 67 11.31 -7.82 -16.24
CA ASN B 67 12.50 -6.98 -16.15
C ASN B 67 13.76 -7.85 -16.29
N LYS B 68 14.51 -8.01 -15.20
CA LYS B 68 15.76 -8.77 -15.26
C LYS B 68 15.93 -9.55 -13.96
N MET B 69 16.38 -10.79 -14.07
CA MET B 69 16.81 -11.54 -12.91
C MET B 69 18.25 -11.13 -12.57
N ARG B 70 18.51 -10.84 -11.30
CA ARG B 70 19.85 -10.41 -10.88
C ARG B 70 20.68 -11.56 -10.34
N THR B 71 20.01 -12.59 -9.84
CA THR B 71 20.68 -13.66 -9.10
C THR B 71 20.58 -15.02 -9.80
N ARG B 72 21.05 -16.07 -9.14
CA ARG B 72 21.14 -17.40 -9.73
C ARG B 72 19.79 -18.01 -10.10
N ASN B 73 18.84 -17.97 -9.18
CA ASN B 73 17.51 -18.56 -9.42
C ASN B 73 16.37 -17.83 -8.71
N LEU B 74 15.17 -18.34 -8.82
CA LEU B 74 14.03 -17.68 -8.23
C LEU B 74 14.13 -17.61 -6.70
N ASN B 75 14.64 -18.66 -6.09
CA ASN B 75 14.79 -18.72 -4.66
C ASN B 75 15.65 -17.59 -4.14
N SER B 76 16.81 -17.39 -4.75
CA SER B 76 17.66 -16.30 -4.30
C SER B 76 17.08 -14.94 -4.71
N GLU B 77 16.40 -14.89 -5.85
CA GLU B 77 15.82 -13.61 -6.29
C GLU B 77 14.78 -13.12 -5.28
N CYS B 78 14.04 -14.06 -4.68
CA CYS B 78 13.04 -13.71 -3.68
C CYS B 78 13.68 -13.15 -2.40
N VAL B 79 14.83 -13.70 -2.00
CA VAL B 79 15.52 -13.13 -0.84
C VAL B 79 15.90 -11.67 -1.14
N LEU B 80 16.40 -11.41 -2.35
CA LEU B 80 16.65 -10.04 -2.79
C LEU B 80 15.39 -9.18 -2.73
N CYS B 81 14.28 -9.72 -3.24
CA CYS B 81 13.06 -8.92 -3.32
C CYS B 81 12.42 -8.64 -1.97
N LEU B 82 12.72 -9.47 -0.97
CA LEU B 82 12.26 -9.20 0.40
C LEU B 82 12.89 -7.94 0.94
N SER B 83 14.09 -7.65 0.48
CA SER B 83 14.88 -6.55 1.02
C SER B 83 14.46 -5.21 0.43
N PRO B 84 14.77 -4.12 1.14
CA PRO B 84 14.54 -2.78 0.61
C PRO B 84 15.69 -2.34 -0.29
N THR B 85 16.76 -3.14 -0.41
CA THR B 85 18.00 -2.72 -1.08
C THR B 85 18.22 -3.36 -2.45
N SER B 86 18.98 -2.69 -3.33
CA SER B 86 19.39 -3.28 -4.59
C SER B 86 20.64 -4.17 -4.44
N ASN B 87 21.36 -4.01 -3.33
CA ASN B 87 22.59 -4.76 -3.15
C ASN B 87 22.33 -6.22 -2.80
N ILE B 88 22.71 -7.11 -3.69
CA ILE B 88 22.42 -8.53 -3.51
C ILE B 88 23.06 -9.14 -2.26
N SER B 89 24.35 -8.88 -2.06
CA SER B 89 25.05 -9.45 -0.93
C SER B 89 24.44 -9.02 0.39
N ASP B 90 24.05 -7.75 0.48
CA ASP B 90 23.46 -7.22 1.70
C ASP B 90 22.09 -7.84 1.98
N ALA B 91 21.30 -8.06 0.93
CA ALA B 91 20.02 -8.79 1.09
C ALA B 91 20.24 -10.21 1.61
N PHE B 92 21.17 -10.93 0.99
CA PHE B 92 21.45 -12.30 1.39
C PHE B 92 21.88 -12.38 2.85
N LEU B 93 22.64 -11.38 3.29
CA LEU B 93 23.20 -11.36 4.64
C LEU B 93 22.13 -11.02 5.66
N LYS B 94 21.38 -9.96 5.39
CA LYS B 94 20.37 -9.51 6.34
C LYS B 94 19.14 -10.42 6.37
N PHE B 95 18.69 -10.88 5.20
CA PHE B 95 17.48 -11.70 5.13
C PHE B 95 17.70 -13.22 5.14
N GLY B 96 18.93 -13.66 4.92
CA GLY B 96 19.27 -15.07 4.99
C GLY B 96 19.48 -15.48 6.44
N ILE B 97 19.39 -16.78 6.73
CA ILE B 97 19.63 -17.24 8.10
C ILE B 97 21.04 -16.89 8.54
N LYS B 98 21.24 -16.86 9.84
CA LYS B 98 22.52 -16.57 10.44
C LYS B 98 23.05 -17.81 11.15
N ASP B 99 24.35 -17.82 11.47
CA ASP B 99 24.91 -18.91 12.25
C ASP B 99 24.16 -19.05 13.58
N ASP B 100 23.63 -17.98 14.11
CA ASP B 100 22.90 -18.11 15.36
C ASP B 100 21.37 -18.20 15.22
N SER B 101 20.86 -18.39 14.00
CA SER B 101 19.41 -18.49 13.82
C SER B 101 18.81 -19.68 14.57
N SER B 102 17.74 -19.44 15.31
CA SER B 102 17.04 -20.51 15.99
C SER B 102 15.68 -20.76 15.36
N GLN B 103 15.31 -19.92 14.39
CA GLN B 103 14.15 -20.20 13.54
C GLN B 103 14.53 -19.95 12.09
N LEU B 104 13.80 -20.56 11.18
CA LEU B 104 14.02 -20.28 9.77
C LEU B 104 12.78 -20.53 8.94
N ILE B 105 12.72 -19.82 7.82
CA ILE B 105 11.72 -20.09 6.79
C ILE B 105 12.42 -20.79 5.65
N CYS B 106 11.88 -21.91 5.23
CA CYS B 106 12.44 -22.66 4.11
C CYS B 106 11.53 -22.42 2.91
N LEU B 107 12.07 -21.79 1.87
CA LEU B 107 11.29 -21.38 0.71
C LEU B 107 11.78 -22.09 -0.53
N LYS B 108 10.86 -22.56 -1.37
CA LYS B 108 11.27 -23.16 -2.64
C LYS B 108 10.26 -22.94 -3.77
N PHE B 109 10.76 -22.42 -4.89
CA PHE B 109 9.95 -22.28 -6.10
C PHE B 109 9.97 -23.59 -6.89
N HIS B 110 8.80 -24.00 -7.37
CA HIS B 110 8.69 -25.20 -8.19
C HIS B 110 8.13 -24.78 -9.53
N THR B 111 8.99 -24.70 -10.55
CA THR B 111 8.62 -24.11 -11.83
C THR B 111 7.97 -25.10 -12.78
N ASN B 112 8.35 -26.36 -12.67
CA ASN B 112 7.73 -27.42 -13.44
C ASN B 112 6.21 -27.47 -13.23
N THR B 113 5.47 -27.69 -14.32
CA THR B 113 4.08 -28.10 -14.19
C THR B 113 4.19 -29.47 -13.54
N ASP B 114 3.06 -30.03 -13.13
CA ASP B 114 3.09 -31.28 -12.35
C ASP B 114 3.12 -30.91 -10.88
N ASP B 115 2.53 -31.76 -10.06
CA ASP B 115 2.33 -31.44 -8.65
C ASP B 115 3.60 -31.57 -7.81
N VAL B 116 3.71 -30.68 -6.83
CA VAL B 116 4.75 -30.74 -5.81
C VAL B 116 4.61 -32.04 -5.01
N ASP B 117 5.68 -32.83 -4.99
CA ASP B 117 5.69 -34.05 -4.19
C ASP B 117 5.92 -33.69 -2.73
N LYS B 118 4.82 -33.47 -2.00
CA LYS B 118 4.89 -32.95 -0.64
C LYS B 118 5.64 -33.87 0.34
N GLU B 119 5.43 -35.17 0.21
CA GLU B 119 6.04 -36.13 1.12
C GLU B 119 7.56 -36.12 0.94
N GLN B 120 7.98 -36.12 -0.32
CA GLN B 120 9.39 -36.00 -0.66
C GLN B 120 9.97 -34.66 -0.17
N LEU B 121 9.21 -33.58 -0.31
CA LEU B 121 9.67 -32.25 0.11
C LEU B 121 9.88 -32.19 1.62
N ARG B 122 8.91 -32.71 2.37
CA ARG B 122 9.03 -32.74 3.81
C ARG B 122 10.20 -33.60 4.26
N THR B 123 10.49 -34.66 3.50
CA THR B 123 11.63 -35.52 3.83
C THR B 123 12.94 -34.80 3.60
N ILE B 124 13.05 -34.14 2.45
CA ILE B 124 14.26 -33.38 2.13
C ILE B 124 14.50 -32.28 3.17
N MET B 125 13.46 -31.54 3.51
CA MET B 125 13.62 -30.43 4.44
C MET B 125 14.08 -30.92 5.81
N THR B 126 13.52 -32.02 6.29
CA THR B 126 13.92 -32.51 7.61
C THR B 126 15.30 -33.17 7.57
N SER B 127 15.77 -33.55 6.38
CA SER B 127 17.12 -34.08 6.25
C SER B 127 18.12 -32.94 6.33
N ILE B 128 17.67 -31.75 5.97
CA ILE B 128 18.54 -30.58 5.97
C ILE B 128 18.49 -29.85 7.31
N VAL B 129 17.28 -29.64 7.82
CA VAL B 129 17.09 -28.79 8.98
C VAL B 129 16.93 -29.62 10.25
N LYS B 130 17.77 -29.33 11.25
CA LYS B 130 17.61 -29.93 12.56
C LYS B 130 16.77 -28.97 13.41
N GLY B 131 15.48 -29.23 13.47
CA GLY B 131 14.53 -28.33 14.10
C GLY B 131 13.11 -28.84 14.01
N GLN B 132 12.17 -28.08 14.56
CA GLN B 132 10.78 -28.53 14.65
C GLN B 132 9.90 -27.68 13.77
N GLU B 133 9.30 -28.30 12.74
CA GLU B 133 8.40 -27.57 11.86
C GLU B 133 7.12 -27.20 12.58
N ILE B 134 6.65 -25.97 12.33
CA ILE B 134 5.35 -25.54 12.81
C ILE B 134 4.62 -24.95 11.63
N GLU B 135 3.33 -24.67 11.79
CA GLU B 135 2.55 -24.18 10.67
C GLU B 135 3.03 -22.80 10.19
N PHE B 136 3.15 -22.67 8.86
CA PHE B 136 3.45 -21.36 8.27
C PHE B 136 2.16 -20.55 8.25
N ASN B 137 2.01 -19.66 9.21
CA ASN B 137 0.83 -18.81 9.31
C ASN B 137 1.18 -17.57 10.11
N ASP B 138 0.27 -16.60 10.15
CA ASP B 138 0.57 -15.35 10.83
C ASP B 138 0.69 -15.48 12.34
N ASP B 139 -0.06 -16.39 12.94
CA ASP B 139 0.10 -16.66 14.37
C ASP B 139 1.53 -17.03 14.72
N ASN B 140 2.14 -17.93 13.96
CA ASN B 140 3.51 -18.33 14.22
C ASN B 140 4.56 -17.29 13.80
N LEU B 141 4.34 -16.62 12.68
CA LEU B 141 5.26 -15.54 12.28
C LEU B 141 5.27 -14.38 13.29
N SER B 142 4.15 -14.14 13.96
CA SER B 142 4.10 -13.04 14.91
C SER B 142 4.93 -13.33 16.17
N ARG B 143 5.38 -14.58 16.33
CA ARG B 143 6.23 -14.94 17.46
C ARG B 143 7.67 -14.48 17.27
N PHE B 144 8.14 -14.51 16.02
CA PHE B 144 9.57 -14.46 15.78
C PHE B 144 10.13 -13.20 15.10
N TYR B 145 9.27 -12.31 14.60
CA TYR B 145 9.80 -11.10 13.96
C TYR B 145 10.34 -10.13 15.02
N ASP B 146 11.36 -9.37 14.64
CA ASP B 146 12.01 -8.42 15.55
C ASP B 146 11.73 -7.01 15.01
N GLU B 147 10.74 -6.33 15.59
CA GLU B 147 10.38 -5.00 15.09
C GLU B 147 11.54 -4.01 15.07
N ALA B 148 12.39 -4.05 16.09
CA ALA B 148 13.52 -3.13 16.17
C ALA B 148 14.46 -3.30 14.98
N LEU B 149 14.80 -4.55 14.70
CA LEU B 149 15.67 -4.88 13.57
C LEU B 149 15.01 -4.51 12.24
N ILE B 150 13.72 -4.81 12.14
CA ILE B 150 12.94 -4.45 10.95
C ILE B 150 13.00 -2.93 10.72
N ARG B 151 12.75 -2.16 11.77
CA ARG B 151 12.81 -0.70 11.65
C ARG B 151 14.17 -0.22 11.12
N LYS B 152 15.24 -0.86 11.60
CA LYS B 152 16.58 -0.48 11.19
C LYS B 152 16.82 -0.83 9.72
N ILE B 153 16.48 -2.06 9.36
CA ILE B 153 16.74 -2.58 8.02
C ILE B 153 15.90 -1.89 6.94
N TYR B 154 14.63 -1.64 7.23
CA TYR B 154 13.73 -1.01 6.28
C TYR B 154 13.71 0.52 6.45
N LYS B 155 14.57 1.02 7.33
CA LYS B 155 14.74 2.46 7.56
C LYS B 155 13.44 3.19 7.85
N LEU B 156 12.72 2.70 8.86
CA LEU B 156 11.45 3.28 9.24
C LEU B 156 11.69 4.30 10.35
N SER B 157 11.07 5.47 10.22
CA SER B 157 11.19 6.54 11.20
C SER B 157 10.51 6.21 12.53
N ASP B 158 11.07 6.74 13.62
CA ASP B 158 10.49 6.54 14.94
C ASP B 158 9.08 7.10 15.04
N ASP B 159 8.78 8.08 14.19
CA ASP B 159 7.45 8.70 14.15
C ASP B 159 6.38 7.74 13.63
N PHE B 160 6.80 6.71 12.90
CA PHE B 160 5.88 5.69 12.41
C PHE B 160 5.56 4.73 13.55
N LYS B 161 4.32 4.74 14.00
CA LYS B 161 3.94 3.96 15.15
C LYS B 161 2.70 3.10 14.90
N PRO B 162 2.88 2.01 14.12
CA PRO B 162 1.78 1.10 13.81
C PRO B 162 1.25 0.42 15.08
N GLN B 163 -0.08 0.37 15.21
CA GLN B 163 -0.73 -0.21 16.37
C GLN B 163 -0.71 -1.74 16.36
N ASP B 164 -0.54 -2.33 15.18
CA ASP B 164 -0.54 -3.78 15.04
C ASP B 164 0.35 -4.27 13.91
N VAL B 165 0.48 -5.59 13.80
CA VAL B 165 1.30 -6.19 12.77
C VAL B 165 0.84 -5.81 11.37
N ASN B 166 -0.48 -5.72 11.17
CA ASN B 166 -0.99 -5.28 9.87
C ASN B 166 -0.43 -3.91 9.49
N GLY B 167 -0.32 -3.02 10.48
CA GLY B 167 0.18 -1.69 10.23
C GLY B 167 1.64 -1.69 9.83
N LEU B 168 2.41 -2.56 10.47
CA LEU B 168 3.83 -2.67 10.20
C LEU B 168 4.03 -3.35 8.85
N SER B 169 3.29 -4.44 8.63
CA SER B 169 3.35 -5.20 7.40
C SER B 169 3.13 -4.28 6.18
N ARG B 170 2.17 -3.36 6.31
CA ARG B 170 1.84 -2.47 5.21
C ARG B 170 3.04 -1.65 4.77
N ALA B 171 3.81 -1.13 5.74
CA ALA B 171 5.02 -0.37 5.42
C ALA B 171 6.10 -1.21 4.73
N LEU B 172 6.19 -2.49 5.10
CA LEU B 172 7.21 -3.36 4.50
C LEU B 172 6.84 -3.76 3.06
N VAL B 173 5.56 -4.04 2.84
CA VAL B 173 5.06 -4.32 1.50
C VAL B 173 5.33 -3.11 0.58
N ASP B 174 5.05 -1.91 1.07
CA ASP B 174 5.39 -0.69 0.32
C ASP B 174 6.85 -0.69 -0.12
N ALA B 175 7.76 -0.92 0.82
CA ALA B 175 9.19 -0.93 0.50
C ALA B 175 9.49 -2.00 -0.54
N ILE B 176 8.92 -3.17 -0.34
CA ILE B 176 9.11 -4.28 -1.28
C ILE B 176 8.61 -3.93 -2.69
N GLN B 177 7.41 -3.38 -2.78
CA GLN B 177 6.78 -3.15 -4.09
C GLN B 177 7.45 -2.00 -4.85
N LEU B 178 8.10 -1.11 -4.11
CA LEU B 178 8.72 0.05 -4.74
C LEU B 178 10.16 -0.19 -5.24
N ARG B 179 10.65 -1.43 -5.14
CA ARG B 179 11.90 -1.83 -5.81
C ARG B 179 11.92 -1.32 -7.26
PB ANP C . -5.08 9.20 -11.29
O1B ANP C . -3.63 8.76 -11.90
O2B ANP C . -4.66 9.55 -9.93
N3B ANP C . -5.63 10.59 -11.73
PA ANP C . -7.77 8.20 -11.69
O1A ANP C . -7.72 7.50 -12.97
O2A ANP C . -8.16 9.78 -11.90
O3A ANP C . -6.27 8.08 -10.97
O5' ANP C . -8.92 7.51 -10.73
C5' ANP C . -10.28 7.56 -11.15
C4' ANP C . -11.16 6.95 -10.09
O4' ANP C . -10.72 5.80 -9.48
C3' ANP C . -12.29 7.39 -9.38
O3' ANP C . -13.09 8.52 -9.52
C2' ANP C . -12.52 6.49 -8.33
O2' ANP C . -13.50 6.56 -7.35
C1' ANP C . -11.55 5.50 -8.44
N9 ANP C . -10.97 4.71 -7.44
C8 ANP C . -9.62 5.09 -7.39
N7 ANP C . -9.07 4.56 -6.35
C5 ANP C . -10.11 4.04 -5.62
C6 ANP C . -10.03 3.37 -4.43
N6 ANP C . -8.72 3.24 -3.84
N1 ANP C . -11.17 2.92 -3.82
C2 ANP C . -12.43 3.14 -4.42
N3 ANP C . -12.49 3.80 -5.60
C4 ANP C . -11.31 4.27 -6.23
C ACT D . -11.95 24.76 0.21
O ACT D . -12.78 23.82 0.09
OXT ACT D . -12.42 25.92 0.18
CH3 ACT D . -10.48 24.51 0.39
C ACT E . -13.75 32.36 -6.00
O ACT E . -13.40 32.88 -7.09
OXT ACT E . -14.90 31.89 -5.94
CH3 ACT E . -12.82 32.31 -4.82
S SO4 F . -27.72 17.13 14.81
O1 SO4 F . -27.66 15.68 14.82
O2 SO4 F . -26.39 17.69 14.58
O3 SO4 F . -28.62 17.60 13.75
O4 SO4 F . -28.18 17.62 16.12
S SO4 G . -19.66 27.07 12.33
O1 SO4 G . -19.05 27.41 11.04
O2 SO4 G . -18.62 26.65 13.26
O3 SO4 G . -20.35 28.27 12.84
O4 SO4 G . -20.63 25.99 12.19
C1 GOL H . -5.09 4.16 6.29
O1 GOL H . -4.38 4.60 7.43
C2 GOL H . -6.46 3.89 6.82
O2 GOL H . -6.76 5.15 7.41
C3 GOL H . -7.32 3.55 5.61
O3 GOL H . -6.46 3.09 4.52
H11 GOL H . -5.12 4.95 5.53
H12 GOL H . -4.64 3.27 5.87
HO1 GOL H . -3.44 4.74 7.21
H2 GOL H . -6.44 3.08 7.54
HO2 GOL H . -6.65 5.87 6.75
H31 GOL H . -8.03 2.77 5.88
H32 GOL H . -7.86 4.43 5.30
HO3 GOL H . -5.92 3.83 4.19
C ACT I . 3.05 -4.08 16.95
O ACT I . 3.53 -4.16 15.79
OXT ACT I . 1.96 -4.65 17.13
CH3 ACT I . 3.75 -3.34 18.05
O1 SO4 J . 2.12 -25.33 16.45
S SO4 K . 1.61 -25.50 15.09
O1 SO4 K . 2.50 -26.37 14.34
O3 SO4 K . 0.28 -26.10 15.13
O4 SO4 K . 1.50 -24.20 14.45
S SO4 L . 14.96 -2.63 -11.04
O1 SO4 L . 14.57 -3.79 -10.23
O2 SO4 L . 15.95 -3.03 -12.04
O3 SO4 L . 15.53 -1.62 -10.17
O4 SO4 L . 13.78 -2.13 -11.73
#